data_2WA3
#
_entry.id   2WA3
#
_cell.length_a   86.938
_cell.length_b   86.938
_cell.length_c   148.420
_cell.angle_alpha   90.00
_cell.angle_beta   90.00
_cell.angle_gamma   90.00
#
_symmetry.space_group_name_H-M   'P 41 21 2'
#
loop_
_entity.id
_entity.type
_entity.pdbx_description
1 polymer 'HYPOXIA-INDUCIBLE FACTOR 1-ALPHA INHIBITOR'
2 non-polymer 'FE (II) ION'
3 non-polymer '2-(3-HYDROXYPHENYL)-2-OXO-ETHANOIC ACID'
4 water water
#
_entity_poly.entity_id   1
_entity_poly.type   'polypeptide(L)'
_entity_poly.pdbx_seq_one_letter_code
;MAATAAEAVASGSGEPREEAGALGPAWDESQLRSYSFPTRPIPRLSQSDPRAEELIENEEPVVLTDTNLVYPALKWDLEY
LQENIGNGDFSVYSASTHKFLYYDEKKMANFQNFKPRSNREEMKFHEFVEKLQDIQQRGGEERLYLQQTLNDTVGRKIVM
DFLGFNWNWINKQQGKRGWGQLTSNLLLIGMEGNVTPAHYDEQQNFFAQIKGYKRCILFPPDQFECLYPYPVHHPCDRQS
QVDFDNPDYERFPNFQNVVGYETVVGPGDVLYIPMYWWHHIESLLNGGITITVNFWYKGAPTPKRIEYPLKAHQKVAIMR
NIEKMLGEALGNPQEVGPLLNTMIKGRYN
;
_entity_poly.pdbx_strand_id   A
#
# COMPACT_ATOMS: atom_id res chain seq x y z
N GLU A 15 -18.57 -1.99 9.87
CA GLU A 15 -19.27 -1.93 11.20
C GLU A 15 -18.91 -0.64 12.02
N PRO A 16 -19.52 0.51 11.65
CA PRO A 16 -18.89 1.83 11.83
C PRO A 16 -18.65 2.43 13.27
N ARG A 17 -17.44 2.96 13.46
CA ARG A 17 -17.05 3.63 14.71
C ARG A 17 -17.75 4.99 14.94
N GLU A 18 -18.22 5.19 16.17
CA GLU A 18 -18.82 6.45 16.64
C GLU A 18 -17.77 7.40 17.28
N GLU A 19 -17.49 8.54 16.67
CA GLU A 19 -16.55 9.51 17.27
C GLU A 19 -16.92 10.07 18.66
N ALA A 20 -15.88 10.39 19.45
CA ALA A 20 -16.04 10.99 20.78
C ALA A 20 -16.72 12.35 20.69
N GLY A 21 -17.51 12.71 21.70
CA GLY A 21 -18.37 13.92 21.63
C GLY A 21 -19.70 13.83 20.84
N ALA A 22 -20.25 12.61 20.70
CA ALA A 22 -21.53 12.29 19.99
C ALA A 22 -21.65 12.71 18.51
N LEU A 23 -20.50 13.02 17.88
CA LEU A 23 -20.44 13.50 16.50
C LEU A 23 -20.89 12.47 15.45
N GLY A 24 -21.49 11.35 15.87
CA GLY A 24 -22.22 10.46 14.97
C GLY A 24 -21.27 9.56 14.24
N PRO A 25 -21.81 8.62 13.46
CA PRO A 25 -20.90 7.66 12.83
C PRO A 25 -19.90 8.37 11.92
N ALA A 26 -18.64 7.97 11.98
CA ALA A 26 -17.61 8.54 11.11
C ALA A 26 -17.87 8.20 9.61
N TRP A 27 -18.26 6.97 9.30
CA TRP A 27 -18.62 6.61 7.93
C TRP A 27 -19.80 5.67 7.95
N ASP A 28 -20.42 5.41 6.80
CA ASP A 28 -21.39 4.32 6.69
C ASP A 28 -21.04 3.43 5.49
N GLU A 29 -21.76 2.32 5.38
CA GLU A 29 -21.42 1.25 4.42
C GLU A 29 -21.58 1.76 2.99
N SER A 30 -22.43 2.76 2.77
CA SER A 30 -22.60 3.29 1.41
C SER A 30 -21.35 3.98 0.85
N GLN A 31 -20.36 4.23 1.68
CA GLN A 31 -19.09 4.79 1.19
C GLN A 31 -18.05 3.71 0.82
N LEU A 32 -18.48 2.44 0.86
CA LEU A 32 -17.58 1.30 0.55
C LEU A 32 -17.96 0.80 -0.79
N ARG A 33 -16.98 0.47 -1.63
CA ARG A 33 -17.28 -0.18 -2.89
C ARG A 33 -17.63 -1.64 -2.62
N SER A 34 -18.27 -2.30 -3.56
CA SER A 34 -18.60 -3.69 -3.27
C SER A 34 -17.90 -4.61 -4.23
N TYR A 35 -17.53 -5.77 -3.71
CA TYR A 35 -16.65 -6.71 -4.42
C TYR A 35 -17.17 -8.15 -4.32
N SER A 36 -16.50 -9.10 -4.95
CA SER A 36 -17.07 -10.44 -5.12
C SER A 36 -16.75 -11.46 -4.02
N PHE A 37 -15.94 -11.07 -3.05
CA PHE A 37 -15.30 -12.03 -2.16
C PHE A 37 -15.67 -11.62 -0.73
N PRO A 38 -15.64 -12.57 0.18
CA PRO A 38 -15.85 -12.28 1.60
C PRO A 38 -14.59 -11.83 2.27
N THR A 39 -14.73 -11.16 3.41
CA THR A 39 -13.65 -10.68 4.24
C THR A 39 -13.98 -10.85 5.72
N ARG A 40 -12.96 -10.87 6.55
CA ARG A 40 -13.15 -10.84 7.99
C ARG A 40 -12.37 -9.63 8.57
N PRO A 41 -12.71 -9.17 9.77
CA PRO A 41 -12.09 -7.92 10.22
C PRO A 41 -10.76 -8.13 10.83
N ILE A 42 -9.82 -7.23 10.51
CA ILE A 42 -8.52 -7.12 11.18
C ILE A 42 -8.81 -6.57 12.58
N PRO A 43 -8.18 -7.18 13.56
CA PRO A 43 -8.49 -6.82 14.90
C PRO A 43 -7.96 -5.44 15.25
N ARG A 44 -8.75 -4.65 15.98
CA ARG A 44 -8.30 -3.33 16.50
C ARG A 44 -7.88 -3.48 17.96
N LEU A 45 -6.62 -3.21 18.27
CA LEU A 45 -6.13 -3.42 19.61
C LEU A 45 -5.30 -2.24 20.14
N SER A 46 -5.07 -2.27 21.46
CA SER A 46 -4.18 -1.34 22.11
C SER A 46 -2.77 -1.80 21.98
N GLN A 47 -1.90 -0.81 21.94
CA GLN A 47 -0.53 -1.06 21.65
C GLN A 47 0.05 -1.73 22.85
N SER A 48 -0.58 -1.56 24.01
CA SER A 48 -0.14 -2.21 25.25
C SER A 48 -0.72 -3.61 25.39
N ASP A 49 -1.52 -4.07 24.42
CA ASP A 49 -2.09 -5.42 24.48
C ASP A 49 -1.10 -6.50 23.96
N PRO A 50 -0.84 -7.53 24.79
CA PRO A 50 0.13 -8.51 24.33
C PRO A 50 -0.29 -9.26 23.07
N ARG A 51 -1.60 -9.37 22.83
CA ARG A 51 -2.08 -10.02 21.62
C ARG A 51 -1.63 -9.26 20.39
N ALA A 52 -1.53 -7.93 20.50
CA ALA A 52 -1.05 -7.11 19.40
C ALA A 52 0.40 -7.41 19.11
N GLU A 53 1.17 -7.68 20.15
CA GLU A 53 2.60 -7.93 19.99
C GLU A 53 2.81 -9.30 19.39
N GLU A 54 1.97 -10.25 19.79
CA GLU A 54 1.88 -11.56 19.17
C GLU A 54 1.60 -11.49 17.67
N LEU A 55 0.56 -10.76 17.27
CA LEU A 55 0.22 -10.62 15.87
C LEU A 55 1.41 -10.08 15.09
N ILE A 56 2.03 -8.99 15.57
CA ILE A 56 3.15 -8.39 14.83
C ILE A 56 4.35 -9.36 14.69
N GLU A 57 4.58 -10.17 15.72
CA GLU A 57 5.76 -11.02 15.81
C GLU A 57 5.55 -12.21 14.94
N ASN A 58 4.27 -12.55 14.72
CA ASN A 58 3.87 -13.67 13.83
C ASN A 58 3.57 -13.12 12.45
N GLU A 59 3.86 -11.85 12.19
CA GLU A 59 3.60 -11.30 10.87
C GLU A 59 2.16 -11.49 10.39
N GLU A 60 1.23 -10.99 11.20
CA GLU A 60 -0.18 -10.93 10.83
C GLU A 60 -0.67 -9.50 11.09
N PRO A 61 -1.60 -8.99 10.31
CA PRO A 61 -1.98 -7.59 10.49
C PRO A 61 -2.68 -7.22 11.79
N VAL A 62 -2.50 -6.00 12.30
CA VAL A 62 -3.29 -5.55 13.46
C VAL A 62 -3.42 -4.08 13.32
N VAL A 63 -4.53 -3.51 13.78
CA VAL A 63 -4.69 -2.08 13.85
C VAL A 63 -4.53 -1.67 15.32
N LEU A 64 -3.49 -0.86 15.58
CA LEU A 64 -3.14 -0.30 16.89
C LEU A 64 -3.80 1.05 17.02
N THR A 65 -4.68 1.23 17.99
CA THR A 65 -5.51 2.43 18.05
C THR A 65 -4.94 3.65 18.83
N ASP A 66 -3.85 3.43 19.58
CA ASP A 66 -3.36 4.40 20.59
C ASP A 66 -1.81 4.54 20.64
N THR A 67 -1.12 4.45 19.52
CA THR A 67 0.35 4.54 19.58
C THR A 67 0.82 5.92 19.70
N ASN A 68 0.01 6.91 19.32
CA ASN A 68 0.48 8.28 19.10
C ASN A 68 1.60 8.43 18.12
N LEU A 69 1.67 7.54 17.15
CA LEU A 69 2.87 7.42 16.35
C LEU A 69 3.02 8.72 15.65
N VAL A 70 1.93 9.21 15.05
CA VAL A 70 2.05 10.55 14.34
C VAL A 70 1.19 11.67 14.93
N TYR A 71 1.02 11.66 16.25
CA TYR A 71 0.21 12.67 16.94
C TYR A 71 0.37 14.09 16.36
N PRO A 72 1.59 14.61 16.21
CA PRO A 72 1.58 16.04 15.85
C PRO A 72 1.08 16.31 14.44
N ALA A 73 1.00 15.27 13.59
CA ALA A 73 0.50 15.49 12.23
C ALA A 73 -1.03 15.41 12.18
N LEU A 74 -1.68 15.05 13.28
CA LEU A 74 -3.15 15.04 13.29
C LEU A 74 -3.78 16.42 12.95
N LYS A 75 -3.08 17.54 13.16
CA LYS A 75 -3.52 18.89 12.65
C LYS A 75 -3.30 19.17 11.15
N TRP A 76 -2.47 18.36 10.48
CA TRP A 76 -2.25 18.59 9.06
C TRP A 76 -3.55 18.59 8.28
N ASP A 77 -3.64 19.54 7.35
CA ASP A 77 -4.64 19.56 6.31
C ASP A 77 -3.96 20.27 5.15
N LEU A 78 -4.71 20.62 4.10
CA LEU A 78 -4.09 21.19 2.91
C LEU A 78 -3.60 22.62 3.15
N GLU A 79 -4.34 23.39 3.93
CA GLU A 79 -3.92 24.74 4.21
C GLU A 79 -2.62 24.77 5.07
N TYR A 80 -2.69 24.18 6.27
CA TYR A 80 -1.49 24.09 7.08
C TYR A 80 -0.32 23.56 6.26
N LEU A 81 -0.51 22.51 5.48
CA LEU A 81 0.65 21.94 4.75
C LEU A 81 1.23 22.87 3.69
N GLN A 82 0.33 23.53 2.95
CA GLN A 82 0.73 24.45 1.88
C GLN A 82 1.54 25.62 2.41
N GLU A 83 1.13 26.12 3.57
CA GLU A 83 1.86 27.14 4.31
C GLU A 83 3.28 26.68 4.72
N ASN A 84 3.42 25.41 5.11
CA ASN A 84 4.60 25.03 5.91
C ASN A 84 5.57 24.04 5.28
N ILE A 85 5.19 23.47 4.13
CA ILE A 85 5.97 22.36 3.58
C ILE A 85 7.19 22.83 2.77
N GLY A 86 7.05 23.89 1.98
CA GLY A 86 8.18 24.41 1.16
C GLY A 86 7.86 24.35 -0.31
N ASN A 87 8.84 24.69 -1.13
CA ASN A 87 8.67 24.80 -2.58
C ASN A 87 9.28 23.58 -3.30
N GLY A 88 9.18 22.43 -2.64
CA GLY A 88 9.81 21.25 -3.16
C GLY A 88 9.03 20.78 -4.36
N ASP A 89 9.66 19.89 -5.09
CA ASP A 89 8.96 19.07 -6.08
C ASP A 89 8.23 17.91 -5.37
N PHE A 90 6.91 17.87 -5.54
CA PHE A 90 6.09 16.74 -5.07
C PHE A 90 5.65 15.86 -6.23
N SER A 91 6.03 14.59 -6.20
CA SER A 91 5.48 13.64 -7.17
C SER A 91 3.93 13.59 -7.04
N VAL A 92 3.22 13.62 -8.18
CA VAL A 92 1.76 13.61 -8.17
C VAL A 92 1.24 12.75 -9.31
N TYR A 93 0.65 11.62 -8.94
CA TYR A 93 0.19 10.66 -9.93
C TYR A 93 -1.24 10.95 -10.39
N SER A 94 -1.61 10.41 -11.55
CA SER A 94 -2.84 10.77 -12.27
C SER A 94 -3.65 9.54 -12.72
N ALA A 95 -4.98 9.68 -12.78
CA ALA A 95 -5.81 8.66 -13.44
C ALA A 95 -7.12 9.24 -13.94
N SER A 96 -7.61 8.67 -15.02
CA SER A 96 -8.91 9.05 -15.54
C SER A 96 -10.02 8.25 -14.83
N THR A 97 -9.64 7.16 -14.17
CA THR A 97 -10.56 6.33 -13.45
C THR A 97 -10.23 6.41 -11.96
N HIS A 98 -11.02 5.80 -11.09
CA HIS A 98 -10.69 5.74 -9.65
C HIS A 98 -9.48 4.86 -9.33
N LYS A 99 -9.06 4.11 -10.33
CA LYS A 99 -8.15 2.98 -10.16
C LYS A 99 -6.84 3.47 -10.63
N PHE A 100 -5.82 3.37 -9.77
CA PHE A 100 -4.48 3.82 -10.11
C PHE A 100 -3.58 2.65 -10.55
N LEU A 101 -2.59 2.96 -11.36
CA LEU A 101 -1.69 1.96 -11.84
C LEU A 101 -0.31 2.52 -11.77
N TYR A 102 0.57 1.90 -11.00
CA TYR A 102 1.95 2.34 -10.88
C TYR A 102 2.81 1.60 -11.86
N TYR A 103 3.68 2.30 -12.55
CA TYR A 103 4.64 1.69 -13.44
C TYR A 103 6.00 1.88 -12.85
N ASP A 104 6.88 0.93 -13.04
CA ASP A 104 8.27 1.08 -12.77
C ASP A 104 8.89 1.49 -14.08
N GLU A 105 9.38 2.71 -14.09
CA GLU A 105 9.71 3.38 -15.33
C GLU A 105 10.98 2.80 -15.92
N LYS A 106 11.79 2.16 -15.07
CA LYS A 106 13.01 1.43 -15.52
C LYS A 106 12.64 0.14 -16.31
N LYS A 107 11.58 -0.55 -15.88
CA LYS A 107 11.09 -1.76 -16.54
C LYS A 107 10.40 -1.49 -17.87
N MET A 108 10.37 -0.24 -18.30
CA MET A 108 9.70 0.17 -19.54
C MET A 108 10.41 -0.13 -20.83
N ALA A 109 11.75 -0.10 -20.80
CA ALA A 109 12.59 -0.66 -21.87
C ALA A 109 11.95 -1.99 -22.34
N ASN A 110 11.90 -2.97 -21.43
CA ASN A 110 11.22 -4.25 -21.66
C ASN A 110 10.04 -4.15 -22.66
N PHE A 111 8.84 -3.87 -22.16
CA PHE A 111 7.63 -4.13 -22.93
C PHE A 111 7.30 -3.00 -23.95
N GLN A 112 7.73 -3.21 -25.20
CA GLN A 112 7.48 -2.26 -26.30
C GLN A 112 6.01 -1.89 -26.36
N ASN A 113 5.18 -2.92 -26.60
CA ASN A 113 3.69 -2.85 -26.75
C ASN A 113 2.98 -2.22 -25.53
N PHE A 114 3.43 -1.01 -25.18
CA PHE A 114 3.17 -0.41 -23.87
C PHE A 114 3.12 1.14 -23.85
N LYS A 115 2.08 1.65 -23.20
CA LYS A 115 1.95 3.07 -22.96
C LYS A 115 1.50 3.32 -21.52
N PRO A 116 2.10 4.36 -20.90
CA PRO A 116 1.63 4.86 -19.61
C PRO A 116 0.11 5.15 -19.61
N ARG A 117 -0.59 4.72 -18.56
CA ARG A 117 -2.02 5.08 -18.34
C ARG A 117 -2.34 5.56 -16.86
N SER A 118 -1.30 6.05 -16.17
CA SER A 118 -1.35 6.67 -14.80
C SER A 118 0.04 7.29 -14.53
N ASN A 119 0.28 8.44 -15.18
CA ASN A 119 1.57 9.14 -15.20
C ASN A 119 1.86 10.03 -13.99
N ARG A 120 3.14 10.02 -13.63
CA ARG A 120 3.73 10.91 -12.66
C ARG A 120 3.84 12.30 -13.27
N GLU A 121 3.37 13.31 -12.54
CA GLU A 121 3.76 14.69 -12.82
C GLU A 121 4.42 15.30 -11.58
N GLU A 122 5.52 15.99 -11.81
CA GLU A 122 6.23 16.76 -10.76
C GLU A 122 5.59 18.11 -10.62
N MET A 123 5.57 18.64 -9.42
CA MET A 123 5.01 19.96 -9.21
C MET A 123 5.20 20.45 -7.78
N LYS A 124 4.86 21.72 -7.57
CA LYS A 124 4.94 22.35 -6.27
C LYS A 124 3.55 22.20 -5.64
N PHE A 125 3.54 22.16 -4.31
CA PHE A 125 2.33 21.87 -3.52
C PHE A 125 1.12 22.74 -3.88
N HIS A 126 1.30 24.05 -4.01
CA HIS A 126 0.17 24.95 -4.28
C HIS A 126 -0.52 24.62 -5.61
N GLU A 127 0.24 24.02 -6.54
CA GLU A 127 -0.24 23.67 -7.90
C GLU A 127 -1.21 22.50 -7.78
N PHE A 128 -0.76 21.51 -7.03
CA PHE A 128 -1.59 20.42 -6.58
C PHE A 128 -2.88 20.90 -5.86
N VAL A 129 -2.76 21.78 -4.86
CA VAL A 129 -3.96 22.21 -4.12
C VAL A 129 -4.96 22.86 -5.05
N GLU A 130 -4.47 23.46 -6.13
CA GLU A 130 -5.33 24.16 -7.06
C GLU A 130 -5.88 23.26 -8.14
N LYS A 131 -5.10 22.26 -8.57
CA LYS A 131 -5.67 21.27 -9.46
C LYS A 131 -6.79 20.61 -8.69
N LEU A 132 -6.44 20.03 -7.55
CA LEU A 132 -7.38 19.37 -6.68
C LEU A 132 -8.74 20.05 -6.58
N GLN A 133 -8.72 21.35 -6.28
CA GLN A 133 -9.95 22.13 -6.04
C GLN A 133 -10.62 22.65 -7.32
N ASP A 134 -9.85 22.78 -8.40
CA ASP A 134 -10.44 22.99 -9.72
C ASP A 134 -11.26 21.73 -10.11
N ILE A 135 -10.61 20.57 -10.22
CA ILE A 135 -11.35 19.31 -10.42
C ILE A 135 -12.69 19.32 -9.67
N GLN A 136 -12.62 19.50 -8.35
CA GLN A 136 -13.82 19.57 -7.51
C GLN A 136 -14.92 20.43 -8.14
N GLN A 137 -14.58 21.62 -8.64
CA GLN A 137 -15.62 22.47 -9.24
C GLN A 137 -15.98 22.12 -10.71
N ARG A 138 -15.69 20.88 -11.15
CA ARG A 138 -16.09 20.44 -12.52
C ARG A 138 -16.42 18.92 -12.59
N GLY A 139 -17.02 18.38 -11.54
CA GLY A 139 -17.50 16.99 -11.48
C GLY A 139 -16.50 15.90 -11.84
N GLY A 140 -15.20 16.24 -11.83
CA GLY A 140 -14.20 15.46 -12.55
C GLY A 140 -13.93 14.06 -12.02
N GLU A 141 -14.01 13.07 -12.91
CA GLU A 141 -13.56 11.70 -12.61
C GLU A 141 -12.04 11.64 -12.78
N GLU A 142 -11.48 12.78 -13.22
CA GLU A 142 -10.04 13.08 -13.25
C GLU A 142 -9.55 13.15 -11.79
N ARG A 143 -8.58 12.30 -11.44
CA ARG A 143 -8.17 12.07 -10.04
C ARG A 143 -6.68 12.04 -9.82
N LEU A 144 -6.25 12.50 -8.63
CA LEU A 144 -4.85 12.70 -8.29
C LEU A 144 -4.45 12.02 -6.99
N TYR A 145 -3.20 11.59 -6.89
CA TYR A 145 -2.67 11.02 -5.65
C TYR A 145 -1.29 11.64 -5.48
N LEU A 146 -1.09 12.47 -4.44
CA LEU A 146 0.28 12.88 -4.05
C LEU A 146 0.98 11.77 -3.25
N GLN A 147 2.19 11.38 -3.68
CA GLN A 147 2.98 10.29 -3.06
C GLN A 147 4.44 10.68 -3.12
N GLN A 148 4.99 11.15 -2.01
CA GLN A 148 6.32 11.73 -1.97
C GLN A 148 7.08 11.52 -0.66
N THR A 149 8.30 10.98 -0.72
CA THR A 149 9.15 10.87 0.47
C THR A 149 9.29 12.23 1.14
N LEU A 150 8.92 12.30 2.42
CA LEU A 150 9.44 13.27 3.37
C LEU A 150 10.94 13.25 3.31
N ASN A 151 11.58 14.40 3.55
CA ASN A 151 13.06 14.46 3.52
C ASN A 151 13.63 15.49 4.51
N ASP A 152 14.28 16.53 3.96
CA ASP A 152 14.90 17.69 4.67
C ASP A 152 14.53 19.06 4.01
N THR A 153 14.24 19.02 2.70
CA THR A 153 13.74 20.17 1.96
C THR A 153 12.36 20.71 2.47
N VAL A 154 11.77 20.07 3.47
CA VAL A 154 10.48 20.52 4.03
C VAL A 154 10.72 21.61 5.06
N GLY A 155 9.69 22.43 5.29
CA GLY A 155 9.78 23.57 6.16
C GLY A 155 9.87 23.28 7.64
N ARG A 156 10.03 24.38 8.42
CA ARG A 156 10.49 24.33 9.81
C ARG A 156 9.39 23.73 10.66
N LYS A 157 8.18 24.19 10.41
CA LYS A 157 7.06 23.78 11.20
C LYS A 157 6.75 22.24 10.95
N ILE A 158 7.04 21.72 9.74
CA ILE A 158 6.89 20.27 9.47
C ILE A 158 8.05 19.38 10.04
N VAL A 159 9.29 19.89 10.05
CA VAL A 159 10.38 19.14 10.65
C VAL A 159 10.08 18.99 12.14
N MET A 160 9.45 20.01 12.73
CA MET A 160 9.17 19.99 14.17
C MET A 160 8.12 18.92 14.49
N ASP A 161 7.05 18.93 13.69
CA ASP A 161 5.99 17.93 13.72
C ASP A 161 6.51 16.47 13.66
N PHE A 162 7.14 16.14 12.55
CA PHE A 162 7.97 14.94 12.35
C PHE A 162 8.88 14.51 13.50
N LEU A 163 9.61 15.46 14.05
CA LEU A 163 10.45 15.20 15.23
C LEU A 163 9.62 14.70 16.43
N GLY A 164 8.36 15.12 16.50
CA GLY A 164 7.46 14.69 17.53
C GLY A 164 6.69 13.40 17.29
N PHE A 165 6.95 12.72 16.17
CA PHE A 165 6.41 11.40 15.99
C PHE A 165 6.96 10.54 17.11
N ASN A 166 6.31 9.38 17.34
CA ASN A 166 6.65 8.53 18.50
C ASN A 166 7.78 7.60 18.13
N TRP A 167 8.98 8.17 17.99
CA TRP A 167 10.17 7.37 17.62
C TRP A 167 10.52 6.32 18.68
N ASN A 168 10.23 6.59 19.95
CA ASN A 168 10.49 5.59 21.01
C ASN A 168 9.81 4.28 20.67
N TRP A 169 8.50 4.33 20.42
CA TRP A 169 7.70 3.14 20.14
C TRP A 169 8.16 2.42 18.88
N ILE A 170 8.38 3.16 17.81
CA ILE A 170 8.63 2.55 16.51
C ILE A 170 10.07 2.01 16.50
N ASN A 171 11.03 2.71 17.09
CA ASN A 171 12.37 2.13 17.24
C ASN A 171 12.33 0.84 18.10
N LYS A 172 11.46 0.75 19.11
CA LYS A 172 11.40 -0.46 19.91
C LYS A 172 10.90 -1.61 19.05
N GLN A 173 9.94 -1.34 18.17
CA GLN A 173 9.41 -2.36 17.27
C GLN A 173 10.46 -2.86 16.25
N GLN A 174 11.21 -1.94 15.69
CA GLN A 174 12.29 -2.33 14.80
C GLN A 174 13.26 -3.24 15.54
N GLY A 175 13.75 -2.79 16.71
CA GLY A 175 14.59 -3.63 17.57
C GLY A 175 13.98 -4.99 17.94
N LYS A 176 12.79 -5.02 18.54
CA LYS A 176 12.19 -6.30 18.98
C LYS A 176 11.94 -7.33 17.86
N ARG A 177 11.52 -6.86 16.70
CA ARG A 177 11.28 -7.74 15.54
C ARG A 177 12.53 -8.13 14.76
N GLY A 178 13.63 -7.47 15.10
CA GLY A 178 14.91 -7.71 14.44
C GLY A 178 14.96 -7.14 13.04
N TRP A 179 14.04 -6.23 12.70
CA TRP A 179 14.05 -5.65 11.35
C TRP A 179 15.31 -4.88 11.00
N GLY A 180 15.50 -4.65 9.71
CA GLY A 180 16.61 -3.79 9.27
C GLY A 180 16.20 -2.33 9.37
N GLN A 181 16.86 -1.51 8.55
CA GLN A 181 16.71 -0.02 8.62
C GLN A 181 15.39 0.43 8.03
N LEU A 182 14.92 1.57 8.53
CA LEU A 182 13.86 2.34 7.93
C LEU A 182 14.28 2.80 6.54
N THR A 183 13.65 2.31 5.50
CA THR A 183 14.05 2.65 4.14
C THR A 183 13.32 3.90 3.69
N SER A 184 12.03 4.03 3.93
CA SER A 184 11.39 5.29 3.58
C SER A 184 10.16 5.66 4.38
N ASN A 185 9.79 6.90 4.20
CA ASN A 185 8.70 7.51 4.89
C ASN A 185 7.95 8.38 3.91
N LEU A 186 6.84 7.94 3.39
CA LEU A 186 6.14 8.70 2.38
C LEU A 186 4.99 9.44 3.02
N LEU A 187 4.68 10.61 2.47
CA LEU A 187 3.42 11.30 2.73
C LEU A 187 2.50 11.05 1.58
N LEU A 188 1.28 10.58 1.85
CA LEU A 188 0.31 10.29 0.80
C LEU A 188 -0.99 11.06 1.03
N ILE A 189 -1.44 11.80 0.00
CA ILE A 189 -2.62 12.68 0.08
C ILE A 189 -3.53 12.31 -1.08
N GLY A 190 -4.70 11.80 -0.74
CA GLY A 190 -5.55 11.10 -1.73
C GLY A 190 -6.82 11.88 -1.86
N MET A 191 -7.45 11.79 -3.03
CA MET A 191 -8.80 12.30 -3.25
C MET A 191 -9.76 11.17 -2.90
N GLU A 192 -10.97 11.51 -2.49
CA GLU A 192 -11.97 10.49 -2.15
C GLU A 192 -12.33 9.66 -3.34
N GLY A 193 -12.77 8.44 -3.11
CA GLY A 193 -12.93 7.47 -4.20
C GLY A 193 -11.65 6.83 -4.75
N ASN A 194 -10.47 7.35 -4.44
CA ASN A 194 -9.22 6.82 -5.02
C ASN A 194 -9.05 5.35 -4.61
N VAL A 195 -8.56 4.50 -5.53
CA VAL A 195 -8.21 3.11 -5.19
C VAL A 195 -6.77 2.81 -5.59
N THR A 196 -6.00 2.18 -4.69
CA THR A 196 -4.66 1.64 -5.02
C THR A 196 -4.95 0.17 -5.07
N PRO A 197 -4.91 -0.41 -6.26
CA PRO A 197 -5.23 -1.85 -6.38
C PRO A 197 -4.27 -2.84 -5.70
N ALA A 198 -4.71 -4.08 -5.53
CA ALA A 198 -4.00 -5.10 -4.76
C ALA A 198 -2.61 -5.24 -5.22
N HIS A 199 -1.65 -5.10 -4.29
CA HIS A 199 -0.26 -5.44 -4.57
C HIS A 199 0.43 -5.83 -3.32
N TYR A 200 1.68 -6.26 -3.43
CA TYR A 200 2.42 -6.55 -2.27
C TYR A 200 3.77 -5.82 -2.31
N ASP A 201 4.34 -5.55 -1.11
CA ASP A 201 5.60 -4.90 -0.96
C ASP A 201 6.55 -5.86 -0.29
N GLU A 202 7.82 -5.71 -0.58
CA GLU A 202 8.82 -6.55 -0.01
C GLU A 202 9.24 -6.16 1.40
N GLN A 203 8.81 -4.98 1.89
CA GLN A 203 9.17 -4.50 3.23
C GLN A 203 8.05 -4.59 4.27
N GLN A 204 8.41 -4.50 5.55
CA GLN A 204 7.45 -4.40 6.66
C GLN A 204 6.93 -2.98 6.74
N ASN A 205 5.62 -2.79 7.00
CA ASN A 205 4.99 -1.50 6.88
C ASN A 205 4.09 -1.12 8.06
N PHE A 206 4.32 0.09 8.63
CA PHE A 206 3.34 0.75 9.50
C PHE A 206 2.66 1.91 8.79
N PHE A 207 1.36 1.78 8.57
CA PHE A 207 0.54 2.70 7.74
C PHE A 207 -0.17 3.53 8.77
N ALA A 208 0.15 4.83 8.80
CA ALA A 208 -0.17 5.75 9.89
C ALA A 208 -1.17 6.73 9.35
N GLN A 209 -2.42 6.59 9.81
CA GLN A 209 -3.49 7.38 9.20
C GLN A 209 -3.66 8.68 9.95
N ILE A 210 -3.90 9.75 9.17
CA ILE A 210 -3.80 11.12 9.69
C ILE A 210 -5.09 11.88 9.48
N LYS A 211 -5.58 11.93 8.24
CA LYS A 211 -6.82 12.63 7.97
C LYS A 211 -7.73 11.85 7.04
N GLY A 212 -9.03 11.86 7.33
CA GLY A 212 -9.97 11.04 6.55
C GLY A 212 -9.85 9.53 6.74
N TYR A 213 -10.66 8.79 6.00
CA TYR A 213 -10.81 7.36 6.22
C TYR A 213 -10.36 6.52 5.03
N LYS A 214 -9.56 5.46 5.28
CA LYS A 214 -9.14 4.53 4.24
C LYS A 214 -9.54 3.13 4.59
N ARG A 215 -10.14 2.46 3.61
CA ARG A 215 -10.44 1.02 3.65
C ARG A 215 -9.30 0.20 3.12
N CYS A 216 -8.90 -0.81 3.90
CA CYS A 216 -7.74 -1.67 3.58
C CYS A 216 -8.21 -3.08 3.59
N ILE A 217 -8.18 -3.73 2.42
CA ILE A 217 -8.44 -5.17 2.29
C ILE A 217 -7.05 -5.82 2.06
N LEU A 218 -6.66 -6.71 2.96
CA LEU A 218 -5.41 -7.46 2.91
C LEU A 218 -5.67 -8.90 2.52
N PHE A 219 -4.72 -9.52 1.83
CA PHE A 219 -4.79 -10.99 1.65
C PHE A 219 -3.43 -11.62 1.94
N PRO A 220 -3.41 -12.78 2.58
CA PRO A 220 -2.05 -13.26 2.96
C PRO A 220 -1.23 -13.78 1.79
N PRO A 221 0.11 -13.93 1.97
CA PRO A 221 1.04 -14.48 1.06
C PRO A 221 0.58 -15.83 0.40
N ASP A 222 -0.10 -16.73 1.13
CA ASP A 222 -0.53 -18.03 0.54
C ASP A 222 -1.74 -17.86 -0.37
N GLN A 223 -2.11 -16.63 -0.74
CA GLN A 223 -3.15 -16.46 -1.70
C GLN A 223 -2.59 -15.95 -3.03
N PHE A 224 -1.30 -16.13 -3.24
CA PHE A 224 -0.62 -15.78 -4.48
C PHE A 224 -1.36 -16.29 -5.71
N GLU A 225 -1.76 -17.55 -5.66
CA GLU A 225 -2.31 -18.27 -6.81
C GLU A 225 -3.71 -17.86 -7.14
N CYS A 226 -4.38 -17.13 -6.24
CA CYS A 226 -5.68 -16.55 -6.56
C CYS A 226 -5.63 -15.14 -7.14
N LEU A 227 -4.44 -14.49 -7.05
CA LEU A 227 -4.29 -13.03 -7.33
C LEU A 227 -3.39 -12.66 -8.53
N TYR A 228 -2.66 -13.61 -9.08
CA TYR A 228 -2.20 -13.51 -10.49
C TYR A 228 -1.43 -12.17 -10.76
N PRO A 229 -0.38 -11.95 -10.00
CA PRO A 229 0.41 -10.78 -10.31
C PRO A 229 1.03 -10.78 -11.69
N TYR A 230 1.36 -9.60 -12.19
CA TYR A 230 2.08 -9.46 -13.45
C TYR A 230 3.44 -10.19 -13.39
N PRO A 231 4.02 -10.55 -14.54
CA PRO A 231 5.41 -11.05 -14.48
C PRO A 231 6.38 -10.06 -13.84
N VAL A 232 7.48 -10.58 -13.28
CA VAL A 232 8.42 -9.75 -12.55
C VAL A 232 9.06 -8.64 -13.37
N HIS A 233 9.33 -8.92 -14.64
CA HIS A 233 9.89 -7.93 -15.57
C HIS A 233 8.88 -6.93 -16.11
N HIS A 234 7.60 -7.26 -16.01
CA HIS A 234 6.55 -6.28 -16.35
C HIS A 234 6.69 -5.05 -15.46
N PRO A 235 6.35 -3.89 -16.00
CA PRO A 235 6.42 -2.72 -15.16
C PRO A 235 5.43 -2.69 -13.99
N CYS A 236 4.37 -3.50 -14.06
CA CYS A 236 3.42 -3.56 -12.96
C CYS A 236 3.70 -4.74 -12.06
N ASP A 237 4.96 -5.17 -12.05
CA ASP A 237 5.48 -6.16 -11.13
C ASP A 237 4.86 -5.90 -9.77
N ARG A 238 4.34 -6.97 -9.16
CA ARG A 238 3.74 -7.00 -7.82
C ARG A 238 2.31 -6.49 -7.67
N GLN A 239 1.67 -6.04 -8.74
CA GLN A 239 0.25 -5.71 -8.68
C GLN A 239 -0.55 -6.96 -9.19
N SER A 240 -1.81 -7.12 -8.77
CA SER A 240 -2.66 -8.18 -9.23
C SER A 240 -3.12 -7.79 -10.63
N GLN A 241 -3.17 -8.77 -11.53
CA GLN A 241 -3.75 -8.57 -12.84
C GLN A 241 -5.28 -8.54 -12.80
N VAL A 242 -5.85 -8.95 -11.67
CA VAL A 242 -7.29 -9.06 -11.62
C VAL A 242 -7.90 -7.66 -11.40
N ASP A 243 -8.78 -7.20 -12.26
CA ASP A 243 -9.66 -6.06 -12.01
C ASP A 243 -10.76 -6.43 -11.01
N PHE A 244 -10.71 -5.83 -9.85
CA PHE A 244 -11.62 -6.21 -8.78
C PHE A 244 -13.06 -5.88 -9.09
N ASP A 245 -13.26 -4.82 -9.89
CA ASP A 245 -14.61 -4.45 -10.33
C ASP A 245 -15.23 -5.38 -11.37
N ASN A 246 -14.41 -5.97 -12.26
CA ASN A 246 -14.88 -6.86 -13.34
C ASN A 246 -13.87 -8.01 -13.44
N PRO A 247 -13.91 -8.93 -12.47
CA PRO A 247 -12.94 -10.01 -12.48
C PRO A 247 -13.19 -11.01 -13.60
N ASP A 248 -12.14 -11.33 -14.33
CA ASP A 248 -12.26 -12.25 -15.42
C ASP A 248 -11.95 -13.68 -15.01
N TYR A 249 -12.99 -14.42 -14.72
CA TYR A 249 -12.79 -15.74 -14.18
C TYR A 249 -12.34 -16.74 -15.17
N GLU A 250 -12.41 -16.46 -16.46
CA GLU A 250 -11.84 -17.36 -17.44
C GLU A 250 -10.33 -17.39 -17.29
N ARG A 251 -9.70 -16.23 -17.09
CA ARG A 251 -8.23 -16.20 -16.99
C ARG A 251 -7.68 -16.40 -15.59
N PHE A 252 -8.48 -16.01 -14.61
CA PHE A 252 -8.09 -15.93 -13.25
C PHE A 252 -9.09 -16.75 -12.40
N PRO A 253 -9.25 -18.01 -12.75
CA PRO A 253 -10.33 -18.78 -12.11
C PRO A 253 -10.13 -18.86 -10.59
N ASN A 254 -8.93 -18.95 -10.04
CA ASN A 254 -8.83 -19.02 -8.55
C ASN A 254 -9.12 -17.69 -7.83
N PHE A 255 -9.30 -16.60 -8.54
CA PHE A 255 -9.83 -15.44 -7.85
C PHE A 255 -11.22 -15.72 -7.16
N GLN A 256 -11.99 -16.71 -7.61
CA GLN A 256 -13.21 -16.99 -6.86
C GLN A 256 -12.97 -17.75 -5.54
N ASN A 257 -11.72 -18.05 -5.18
CA ASN A 257 -11.45 -18.60 -3.83
C ASN A 257 -10.77 -17.60 -2.88
N VAL A 258 -10.72 -16.33 -3.28
CA VAL A 258 -9.97 -15.31 -2.50
C VAL A 258 -10.80 -14.96 -1.22
N VAL A 259 -10.14 -14.81 -0.08
CA VAL A 259 -10.80 -14.29 1.11
C VAL A 259 -9.91 -13.24 1.72
N GLY A 260 -10.44 -12.09 2.11
CA GLY A 260 -9.64 -11.00 2.62
C GLY A 260 -9.81 -10.68 4.10
N TYR A 261 -8.86 -9.95 4.65
CA TYR A 261 -8.97 -9.32 5.95
C TYR A 261 -9.21 -7.84 5.70
N GLU A 262 -10.18 -7.19 6.36
CA GLU A 262 -10.37 -5.79 6.05
C GLU A 262 -10.58 -4.97 7.27
N THR A 263 -10.30 -3.68 7.13
CA THR A 263 -10.59 -2.71 8.16
C THR A 263 -10.71 -1.31 7.52
N VAL A 264 -11.29 -0.37 8.29
CA VAL A 264 -11.23 1.05 7.98
C VAL A 264 -10.47 1.82 9.08
N VAL A 265 -9.49 2.59 8.65
CA VAL A 265 -8.62 3.27 9.55
C VAL A 265 -8.86 4.74 9.32
N GLY A 266 -8.82 5.49 10.42
CA GLY A 266 -8.93 6.90 10.41
C GLY A 266 -7.93 7.50 11.36
N PRO A 267 -8.07 8.80 11.64
CA PRO A 267 -7.03 9.56 12.35
C PRO A 267 -6.56 8.89 13.62
N GLY A 268 -5.25 8.64 13.73
CA GLY A 268 -4.67 8.10 14.95
C GLY A 268 -4.42 6.61 14.89
N ASP A 269 -5.14 5.92 13.98
CA ASP A 269 -4.93 4.46 13.80
C ASP A 269 -3.67 4.22 13.05
N VAL A 270 -3.00 3.15 13.45
CA VAL A 270 -1.87 2.57 12.67
C VAL A 270 -2.11 1.12 12.27
N LEU A 271 -1.92 0.78 10.99
CA LEU A 271 -2.09 -0.59 10.48
C LEU A 271 -0.71 -1.21 10.21
N TYR A 272 -0.48 -2.37 10.78
CA TYR A 272 0.68 -3.15 10.45
C TYR A 272 0.33 -4.00 9.23
N ILE A 273 0.94 -3.67 8.09
CA ILE A 273 0.90 -4.47 6.89
C ILE A 273 2.20 -5.33 6.78
N PRO A 274 2.11 -6.63 7.05
CA PRO A 274 3.30 -7.48 7.10
C PRO A 274 3.89 -7.62 5.73
N MET A 275 5.20 -7.79 5.59
CA MET A 275 5.82 -7.90 4.26
C MET A 275 5.22 -9.04 3.46
N TYR A 276 5.07 -8.83 2.16
CA TYR A 276 4.50 -9.77 1.20
C TYR A 276 2.98 -9.93 1.28
N TRP A 277 2.29 -9.28 2.23
CA TRP A 277 0.84 -9.37 2.29
C TRP A 277 0.29 -8.50 1.23
N TRP A 278 -0.70 -8.99 0.51
CA TRP A 278 -1.35 -8.17 -0.51
C TRP A 278 -2.14 -7.02 0.13
N HIS A 279 -2.14 -5.83 -0.45
CA HIS A 279 -3.09 -4.85 0.02
C HIS A 279 -3.77 -4.03 -1.06
N HIS A 280 -5.05 -3.77 -0.83
CA HIS A 280 -5.90 -2.96 -1.69
C HIS A 280 -6.40 -1.80 -0.83
N ILE A 281 -6.19 -0.56 -1.22
CA ILE A 281 -6.44 0.57 -0.34
C ILE A 281 -7.34 1.57 -1.00
N GLU A 282 -8.50 1.82 -0.43
CA GLU A 282 -9.42 2.73 -1.08
C GLU A 282 -9.85 3.85 -0.15
N SER A 283 -9.74 5.09 -0.64
CA SER A 283 -10.16 6.24 0.17
C SER A 283 -11.68 6.37 0.05
N LEU A 284 -12.40 6.39 1.18
CA LEU A 284 -13.85 6.26 1.13
C LEU A 284 -14.56 7.24 0.18
N LEU A 285 -15.58 6.75 -0.55
CA LEU A 285 -16.46 7.60 -1.39
C LEU A 285 -17.11 8.73 -0.60
N ASN A 286 -17.14 9.91 -1.19
CA ASN A 286 -17.74 11.07 -0.51
C ASN A 286 -17.24 11.39 0.89
N GLY A 287 -16.03 10.94 1.25
CA GLY A 287 -15.46 11.19 2.60
C GLY A 287 -14.36 12.24 2.71
N GLY A 288 -13.97 12.88 1.61
CA GLY A 288 -13.02 14.01 1.65
C GLY A 288 -11.61 13.64 1.21
N ILE A 289 -10.68 14.57 1.36
CA ILE A 289 -9.27 14.23 1.16
C ILE A 289 -8.71 13.38 2.34
N THR A 290 -7.88 12.39 1.99
CA THR A 290 -7.22 11.54 2.97
C THR A 290 -5.73 11.85 2.98
N ILE A 291 -5.14 11.90 4.17
CA ILE A 291 -3.72 12.00 4.37
C ILE A 291 -3.25 10.79 5.17
N THR A 292 -2.14 10.19 4.73
CA THR A 292 -1.49 9.08 5.42
C THR A 292 0.05 9.23 5.38
N VAL A 293 0.72 8.78 6.42
CA VAL A 293 2.17 8.61 6.32
C VAL A 293 2.52 7.15 6.55
N ASN A 294 3.47 6.59 5.77
CA ASN A 294 3.96 5.22 6.02
CA ASN A 294 3.92 5.21 6.00
C ASN A 294 5.40 5.10 6.45
N PHE A 295 5.73 3.99 7.08
CA PHE A 295 7.08 3.71 7.55
C PHE A 295 7.41 2.34 7.01
N TRP A 296 8.45 2.22 6.17
CA TRP A 296 8.85 0.93 5.58
CA TRP A 296 8.86 0.95 5.52
C TRP A 296 10.20 0.50 6.14
N TYR A 297 10.28 -0.76 6.56
CA TYR A 297 11.52 -1.39 7.04
C TYR A 297 11.86 -2.65 6.27
N LYS A 298 13.15 -2.81 5.99
CA LYS A 298 13.69 -4.13 5.59
C LYS A 298 13.34 -5.16 6.65
N GLY A 299 12.96 -6.35 6.23
CA GLY A 299 12.62 -7.43 7.19
C GLY A 299 13.86 -8.04 7.83
N ALA A 300 13.67 -8.88 8.85
CA ALA A 300 14.79 -9.58 9.50
C ALA A 300 15.56 -10.43 8.48
N PRO A 301 16.85 -10.63 8.71
CA PRO A 301 17.47 -11.60 7.77
C PRO A 301 16.97 -13.05 8.00
N THR A 302 16.97 -13.87 6.96
CA THR A 302 16.54 -15.27 7.14
C THR A 302 17.45 -15.97 8.18
N PRO A 303 16.84 -16.79 9.07
CA PRO A 303 17.70 -17.66 9.84
C PRO A 303 18.81 -18.56 9.25
N LYS A 304 19.78 -18.98 10.07
CA LYS A 304 20.76 -20.04 9.67
C LYS A 304 20.07 -21.43 9.63
N ARG A 305 19.46 -21.78 10.78
CA ARG A 305 18.37 -22.80 10.97
C ARG A 305 17.12 -22.75 10.01
N ILE A 306 17.21 -23.36 8.82
CA ILE A 306 16.09 -23.38 7.88
C ILE A 306 15.02 -24.41 8.30
N GLU A 307 13.83 -23.94 8.63
CA GLU A 307 12.65 -24.82 8.74
C GLU A 307 11.79 -25.23 7.53
N TYR A 308 11.38 -26.48 7.50
CA TYR A 308 10.70 -27.04 6.35
C TYR A 308 9.32 -27.61 6.74
N PRO A 309 8.27 -27.34 5.94
CA PRO A 309 8.36 -26.67 4.64
C PRO A 309 8.43 -25.19 4.87
N LEU A 310 8.97 -24.52 3.87
CA LEU A 310 9.12 -23.08 3.85
C LEU A 310 7.78 -22.30 4.04
N LYS A 311 7.81 -21.04 4.41
CA LYS A 311 6.59 -20.23 4.48
C LYS A 311 6.17 -19.63 3.08
N ALA A 312 4.89 -19.30 2.89
CA ALA A 312 4.44 -18.72 1.63
C ALA A 312 5.36 -17.59 1.18
N HIS A 313 5.73 -16.64 2.06
CA HIS A 313 6.54 -15.55 1.57
C HIS A 313 7.88 -16.00 1.05
N GLN A 314 8.42 -17.07 1.61
CA GLN A 314 9.74 -17.49 1.15
C GLN A 314 9.68 -18.12 -0.25
N LYS A 315 8.65 -18.98 -0.48
CA LYS A 315 8.34 -19.46 -1.81
C LYS A 315 8.01 -18.28 -2.73
N VAL A 316 7.33 -17.23 -2.27
CA VAL A 316 7.13 -16.15 -3.18
C VAL A 316 8.52 -15.57 -3.56
N ALA A 317 9.43 -15.45 -2.61
CA ALA A 317 10.76 -14.90 -2.88
C ALA A 317 11.54 -15.76 -3.87
N ILE A 318 11.54 -17.07 -3.66
CA ILE A 318 12.15 -17.99 -4.65
C ILE A 318 11.55 -17.76 -6.07
N MET A 319 10.24 -17.64 -6.19
CA MET A 319 9.61 -17.45 -7.51
C MET A 319 10.15 -16.21 -8.15
N ARG A 320 10.19 -15.11 -7.42
CA ARG A 320 10.74 -13.88 -7.98
C ARG A 320 12.14 -14.07 -8.45
N ASN A 321 12.95 -14.83 -7.70
CA ASN A 321 14.34 -15.04 -8.07
C ASN A 321 14.50 -15.90 -9.32
N ILE A 322 13.74 -16.98 -9.43
CA ILE A 322 13.79 -17.80 -10.64
C ILE A 322 13.53 -16.89 -11.84
N GLU A 323 12.43 -16.12 -11.81
CA GLU A 323 12.09 -15.17 -12.87
C GLU A 323 13.18 -14.17 -13.17
N LYS A 324 13.85 -13.63 -12.13
CA LYS A 324 14.89 -12.61 -12.33
C LYS A 324 16.08 -13.25 -12.99
N MET A 325 16.59 -14.34 -12.45
CA MET A 325 17.72 -15.05 -13.02
C MET A 325 17.48 -15.41 -14.47
N LEU A 326 16.38 -16.07 -14.71
CA LEU A 326 16.08 -16.51 -16.06
C LEU A 326 16.08 -15.35 -17.07
N GLY A 327 15.46 -14.24 -16.70
CA GLY A 327 15.65 -13.00 -17.46
C GLY A 327 17.09 -12.66 -17.86
N GLU A 328 18.03 -12.84 -16.94
CA GLU A 328 19.45 -12.55 -17.22
C GLU A 328 20.17 -13.64 -17.98
N ALA A 329 19.87 -14.90 -17.66
CA ALA A 329 20.53 -16.00 -18.34
C ALA A 329 20.16 -16.03 -19.80
N LEU A 330 18.90 -15.74 -20.12
CA LEU A 330 18.39 -15.76 -21.52
C LEU A 330 18.77 -14.51 -22.30
N GLY A 331 19.22 -13.48 -21.61
CA GLY A 331 19.57 -12.25 -22.27
C GLY A 331 18.36 -11.44 -22.71
N ASN A 332 17.15 -11.92 -22.45
CA ASN A 332 15.99 -11.21 -22.94
C ASN A 332 14.79 -11.65 -22.14
N PRO A 333 14.13 -10.72 -21.40
CA PRO A 333 12.94 -11.13 -20.64
C PRO A 333 11.77 -11.66 -21.43
N GLN A 334 11.72 -11.50 -22.75
CA GLN A 334 10.59 -12.07 -23.52
C GLN A 334 10.77 -13.57 -23.75
N GLU A 335 11.91 -14.12 -23.40
CA GLU A 335 12.08 -15.54 -23.59
C GLU A 335 11.76 -16.31 -22.32
N VAL A 336 11.47 -15.60 -21.23
CA VAL A 336 11.20 -16.20 -19.93
C VAL A 336 9.93 -17.01 -19.97
N GLY A 337 8.84 -16.38 -20.40
CA GLY A 337 7.59 -17.10 -20.60
C GLY A 337 7.67 -18.40 -21.39
N PRO A 338 8.12 -18.34 -22.64
CA PRO A 338 8.17 -19.59 -23.43
C PRO A 338 8.99 -20.70 -22.79
N LEU A 339 10.07 -20.31 -22.13
CA LEU A 339 10.92 -21.34 -21.47
C LEU A 339 10.15 -21.95 -20.33
N LEU A 340 9.47 -21.10 -19.53
CA LEU A 340 8.75 -21.60 -18.38
C LEU A 340 7.68 -22.54 -18.81
N ASN A 341 6.93 -22.17 -19.83
CA ASN A 341 5.86 -23.01 -20.36
C ASN A 341 6.34 -24.38 -20.90
N THR A 342 7.41 -24.38 -21.66
CA THR A 342 8.04 -25.57 -22.18
C THR A 342 8.47 -26.51 -21.04
N MET A 343 9.11 -25.95 -20.04
CA MET A 343 9.51 -26.71 -18.84
C MET A 343 8.37 -27.43 -18.14
N ILE A 344 7.15 -26.81 -18.09
CA ILE A 344 6.05 -27.35 -17.30
C ILE A 344 4.98 -28.17 -18.02
N LYS A 345 4.66 -27.95 -19.31
CA LYS A 345 3.53 -28.70 -19.87
C LYS A 345 3.78 -30.11 -20.27
N GLY A 346 2.81 -30.92 -19.89
CA GLY A 346 2.98 -32.35 -20.02
C GLY A 346 4.02 -32.98 -19.10
N ARG A 347 4.58 -32.20 -18.18
CA ARG A 347 5.64 -32.67 -17.26
C ARG A 347 5.30 -32.42 -15.79
N TYR A 348 4.81 -31.22 -15.48
CA TYR A 348 4.34 -30.93 -14.14
C TYR A 348 2.84 -30.63 -14.05
N ASN A 349 2.17 -30.75 -15.19
CA ASN A 349 0.71 -31.02 -15.27
C ASN A 349 0.49 -31.98 -16.44
#